data_5JI1
#
_entry.id   5JI1
#
_cell.length_a   29.606
_cell.length_b   77.739
_cell.length_c   119.544
_cell.angle_alpha   90.000
_cell.angle_beta   90.000
_cell.angle_gamma   90.000
#
_symmetry.space_group_name_H-M   'P 21 21 21'
#
loop_
_entity.id
_entity.type
_entity.pdbx_description
1 polymer 'Growth/differentiation factor 8'
2 non-polymer (4S)-2-METHYL-2,4-PENTANEDIOL
3 water water
#
_entity_poly.entity_id   1
_entity_poly.type   'polypeptide(L)'
_entity_poly.pdbx_seq_one_letter_code
;DFGLDCDEHSTESRCCRYPLTVDFEAFGWDWIIAPKRYKANYCSGECEFVFLQKYPHTHLVHQANPRGSAGPCCTPTKMS
PINMLYFNGKEQIIYGKIPAMVVDRCGCS
;
_entity_poly.pdbx_strand_id   A,B
#
loop_
_chem_comp.id
_chem_comp.type
_chem_comp.name
_chem_comp.formula
MPD non-polymer (4S)-2-METHYL-2,4-PENTANEDIOL 'C6 H14 O2'
#
# COMPACT_ATOMS: atom_id res chain seq x y z
N ASP A 1 19.07 8.12 1.26
CA ASP A 1 17.70 7.97 1.71
C ASP A 1 17.60 7.84 3.23
N PHE A 2 16.67 7.01 3.68
CA PHE A 2 16.39 6.81 5.09
C PHE A 2 16.49 5.33 5.42
N GLY A 3 17.48 4.67 4.82
CA GLY A 3 17.65 3.24 4.95
C GLY A 3 18.43 2.73 6.14
N LEU A 4 17.77 2.61 7.29
CA LEU A 4 18.40 2.02 8.46
C LEU A 4 18.01 0.56 8.57
N ASP A 5 18.96 -0.28 8.94
CA ASP A 5 18.68 -1.69 9.17
C ASP A 5 18.77 -2.01 10.65
N CYS A 6 17.85 -2.85 11.12
CA CYS A 6 17.85 -3.26 12.50
C CYS A 6 17.75 -4.78 12.56
N ASP A 7 18.24 -5.36 13.64
CA ASP A 7 17.97 -6.76 13.90
C ASP A 7 16.89 -6.78 14.96
N GLU A 8 16.43 -7.96 15.33
CA GLU A 8 15.48 -8.04 16.44
C GLU A 8 16.17 -7.66 17.75
N HIS A 9 15.37 -7.22 18.72
CA HIS A 9 15.89 -6.78 20.02
C HIS A 9 16.76 -5.52 19.95
N SER A 10 16.71 -4.83 18.81
CA SER A 10 17.35 -3.53 18.68
C SER A 10 16.55 -2.52 19.50
N THR A 11 17.25 -1.64 20.20
CA THR A 11 16.59 -0.53 20.88
C THR A 11 16.51 0.66 19.95
N GLU A 12 15.46 0.66 19.12
CA GLU A 12 15.30 1.69 18.07
C GLU A 12 13.85 2.22 17.94
N SER A 13 13.67 3.53 18.04
CA SER A 13 12.33 4.11 17.89
C SER A 13 12.06 4.64 16.48
N ARG A 14 13.12 4.88 15.70
CA ARG A 14 12.96 5.46 14.37
C ARG A 14 12.56 4.44 13.32
N CYS A 15 12.08 4.93 12.18
CA CYS A 15 11.68 4.09 11.07
C CYS A 15 12.84 3.23 10.61
N CYS A 16 12.73 1.93 10.84
CA CYS A 16 13.83 1.02 10.56
C CYS A 16 13.33 -0.22 9.84
N ARG A 17 14.28 -0.95 9.27
CA ARG A 17 14.00 -2.16 8.53
C ARG A 17 14.38 -3.39 9.34
N TYR A 18 13.42 -4.28 9.53
CA TYR A 18 13.60 -5.43 10.41
C TYR A 18 13.56 -6.73 9.60
N PRO A 19 14.25 -7.77 10.08
CA PRO A 19 14.29 -9.03 9.35
C PRO A 19 12.98 -9.79 9.47
N LEU A 20 12.65 -10.58 8.46
CA LEU A 20 11.48 -11.45 8.51
C LEU A 20 11.65 -12.48 7.41
N THR A 21 11.61 -13.76 7.81
CA THR A 21 11.67 -14.85 6.86
C THR A 21 10.28 -15.34 6.52
N VAL A 22 9.94 -15.34 5.23
CA VAL A 22 8.72 -15.99 4.81
C VAL A 22 9.06 -17.42 4.43
N ASP A 23 8.43 -18.37 5.10
CA ASP A 23 8.78 -19.77 4.94
C ASP A 23 7.60 -20.56 4.38
N PHE A 24 7.63 -20.81 3.08
CA PHE A 24 6.54 -21.51 2.41
C PHE A 24 6.48 -22.98 2.80
N GLU A 25 7.66 -23.61 2.94
CA GLU A 25 7.73 -25.03 3.27
C GLU A 25 7.20 -25.30 4.68
N ALA A 26 7.61 -24.48 5.64
CA ALA A 26 7.16 -24.64 7.01
C ALA A 26 5.68 -24.28 7.15
N PHE A 27 5.24 -23.29 6.38
CA PHE A 27 3.83 -22.93 6.37
C PHE A 27 2.96 -24.07 5.83
N GLY A 28 3.55 -24.93 5.01
CA GLY A 28 2.83 -26.03 4.39
C GLY A 28 2.45 -25.88 2.93
N TRP A 29 2.71 -24.71 2.34
CA TRP A 29 2.50 -24.57 0.89
C TRP A 29 3.48 -25.44 0.13
N ASP A 30 3.16 -26.73 0.08
CA ASP A 30 4.03 -27.74 -0.51
C ASP A 30 3.99 -27.69 -2.02
N TRP A 31 3.02 -26.95 -2.56
CA TRP A 31 2.93 -26.69 -3.99
C TRP A 31 4.00 -25.71 -4.46
N ILE A 32 4.65 -25.04 -3.53
CA ILE A 32 5.73 -24.11 -3.87
C ILE A 32 7.06 -24.85 -3.86
N ILE A 33 7.64 -25.01 -5.04
CA ILE A 33 8.91 -25.71 -5.21
C ILE A 33 10.09 -24.88 -4.74
N ALA A 34 10.19 -23.65 -5.26
CA ALA A 34 11.26 -22.74 -4.89
C ALA A 34 10.80 -21.30 -5.03
N PRO A 35 11.23 -20.43 -4.09
CA PRO A 35 12.11 -20.74 -2.96
C PRO A 35 11.33 -21.33 -1.79
N LYS A 36 11.98 -22.23 -1.04
CA LYS A 36 11.35 -22.83 0.13
C LYS A 36 11.11 -21.75 1.18
N ARG A 37 12.05 -20.83 1.25
CA ARG A 37 12.10 -19.79 2.26
C ARG A 37 12.86 -18.61 1.70
N TYR A 38 12.49 -17.40 2.10
CA TYR A 38 13.23 -16.23 1.64
C TYR A 38 13.12 -15.06 2.62
N LYS A 39 14.04 -14.11 2.47
CA LYS A 39 14.09 -12.95 3.34
C LYS A 39 13.16 -11.86 2.82
N ALA A 40 12.06 -11.63 3.54
CA ALA A 40 11.06 -10.64 3.11
C ALA A 40 11.28 -9.30 3.78
N ASN A 41 11.57 -9.32 5.08
CA ASN A 41 11.74 -8.12 5.91
C ASN A 41 10.46 -7.29 6.01
N TYR A 42 10.49 -6.28 6.87
CA TYR A 42 9.39 -5.34 6.99
C TYR A 42 9.85 -4.01 7.58
N CYS A 43 8.95 -3.04 7.62
CA CYS A 43 9.28 -1.71 8.12
C CYS A 43 8.56 -1.42 9.43
N SER A 44 9.26 -0.76 10.34
CA SER A 44 8.70 -0.38 11.63
C SER A 44 9.48 0.79 12.24
N GLY A 45 8.78 1.66 12.95
CA GLY A 45 9.38 2.82 13.58
C GLY A 45 8.50 4.05 13.47
N GLU A 46 8.93 5.15 14.08
CA GLU A 46 8.14 6.37 14.09
C GLU A 46 8.62 7.37 13.04
N CYS A 47 7.69 8.18 12.52
CA CYS A 47 8.02 9.16 11.50
C CYS A 47 7.60 10.56 11.95
N GLU A 48 8.58 11.42 12.22
CA GLU A 48 8.29 12.79 12.64
C GLU A 48 8.29 13.79 11.48
N PHE A 49 7.55 14.89 11.68
CA PHE A 49 7.53 15.98 10.71
C PHE A 49 7.03 17.26 11.39
N VAL A 50 7.86 18.29 11.40
CA VAL A 50 7.52 19.54 12.06
C VAL A 50 8.11 20.74 11.33
N ASN A 65 -6.40 7.84 -5.19
CA ASN A 65 -5.59 6.68 -5.59
C ASN A 65 -5.57 5.60 -4.52
N PRO A 66 -5.38 4.34 -4.93
CA PRO A 66 -5.41 3.16 -4.03
C PRO A 66 -4.51 3.14 -2.78
N ARG A 67 -3.68 4.15 -2.53
CA ARG A 67 -3.03 4.26 -1.22
C ARG A 67 -3.81 5.17 -0.28
N GLY A 68 -4.04 6.40 -0.74
CA GLY A 68 -4.83 7.37 0.00
C GLY A 68 -4.40 7.71 1.41
N SER A 69 -3.11 7.59 1.69
CA SER A 69 -2.58 7.94 3.00
C SER A 69 -1.67 9.16 2.90
N ALA A 70 -1.92 10.17 3.73
CA ALA A 70 -1.09 11.38 3.69
C ALA A 70 -0.12 11.45 4.85
N GLY A 71 -0.55 10.97 6.02
CA GLY A 71 0.28 11.00 7.21
C GLY A 71 1.57 10.23 7.01
N PRO A 72 2.67 10.71 7.61
CA PRO A 72 3.96 10.02 7.47
C PRO A 72 3.92 8.65 8.11
N CYS A 73 4.49 7.65 7.44
CA CYS A 73 4.47 6.28 7.94
C CYS A 73 5.70 5.50 7.48
N CYS A 74 6.20 4.65 8.37
CA CYS A 74 7.35 3.81 8.05
C CYS A 74 6.95 2.72 7.07
N THR A 75 7.14 3.00 5.78
CA THR A 75 6.73 2.08 4.72
C THR A 75 7.90 1.79 3.79
N PRO A 76 7.85 0.65 3.07
CA PRO A 76 8.90 0.36 2.08
C PRO A 76 9.04 1.45 1.03
N THR A 77 10.23 2.01 0.91
CA THR A 77 10.51 3.01 -0.12
C THR A 77 11.13 2.33 -1.33
N LYS A 78 11.44 1.05 -1.17
CA LYS A 78 11.93 0.23 -2.27
C LYS A 78 11.68 -1.25 -1.99
N MET A 79 10.98 -1.90 -2.92
CA MET A 79 10.77 -3.34 -2.83
C MET A 79 11.26 -4.03 -4.10
N SER A 80 11.51 -5.32 -4.00
CA SER A 80 12.01 -6.08 -5.14
C SER A 80 11.25 -7.39 -5.32
N PRO A 81 11.25 -7.93 -6.54
CA PRO A 81 10.54 -9.18 -6.80
C PRO A 81 11.37 -10.41 -6.41
N ILE A 82 10.71 -11.57 -6.41
CA ILE A 82 11.41 -12.84 -6.33
C ILE A 82 10.89 -13.75 -7.42
N ASN A 83 11.73 -14.67 -7.88
CA ASN A 83 11.28 -15.68 -8.83
C ASN A 83 10.81 -16.90 -8.06
N MET A 84 9.64 -17.43 -8.44
CA MET A 84 9.12 -18.60 -7.77
C MET A 84 8.80 -19.73 -8.75
N LEU A 85 8.99 -20.96 -8.29
CA LEU A 85 8.64 -22.14 -9.05
C LEU A 85 7.59 -22.90 -8.26
N TYR A 86 6.42 -23.11 -8.85
CA TYR A 86 5.33 -23.74 -8.11
C TYR A 86 4.35 -24.50 -8.99
N PHE A 87 3.51 -25.30 -8.34
CA PHE A 87 2.51 -26.13 -9.00
C PHE A 87 1.15 -25.43 -9.15
N ASN A 88 0.44 -25.80 -10.21
CA ASN A 88 -1.01 -25.64 -10.27
C ASN A 88 -1.68 -27.00 -10.12
N GLY A 89 -0.86 -28.03 -9.97
CA GLY A 89 -1.33 -29.35 -9.63
C GLY A 89 -1.77 -30.17 -10.82
N LYS A 90 -1.42 -29.70 -12.01
CA LYS A 90 -1.82 -30.34 -13.27
C LYS A 90 -0.61 -30.89 -14.00
N GLU A 91 0.42 -31.28 -13.25
CA GLU A 91 1.76 -31.50 -13.81
C GLU A 91 2.19 -30.17 -14.46
N GLN A 92 1.59 -29.09 -13.97
CA GLN A 92 1.83 -27.76 -14.51
C GLN A 92 2.70 -27.00 -13.53
N ILE A 93 3.98 -26.84 -13.88
CA ILE A 93 4.89 -26.10 -13.05
C ILE A 93 5.06 -24.71 -13.61
N ILE A 94 4.91 -23.70 -12.75
CA ILE A 94 4.93 -22.31 -13.19
C ILE A 94 6.16 -21.59 -12.65
N TYR A 95 6.89 -20.94 -13.55
CA TYR A 95 8.05 -20.15 -13.16
C TYR A 95 7.82 -18.69 -13.50
N GLY A 96 7.67 -17.85 -12.47
CA GLY A 96 7.30 -16.47 -12.69
C GLY A 96 8.01 -15.48 -11.77
N LYS A 97 8.10 -14.25 -12.24
CA LYS A 97 8.64 -13.16 -11.43
C LYS A 97 7.52 -12.54 -10.60
N ILE A 98 7.61 -12.71 -9.27
CA ILE A 98 6.56 -12.22 -8.40
C ILE A 98 6.99 -10.91 -7.77
N PRO A 99 6.27 -9.82 -8.06
CA PRO A 99 6.72 -8.48 -7.69
C PRO A 99 6.44 -8.10 -6.24
N ALA A 100 7.20 -7.14 -5.73
CA ALA A 100 7.01 -6.57 -4.40
C ALA A 100 6.96 -7.65 -3.31
N MET A 101 7.99 -8.48 -3.25
CA MET A 101 8.04 -9.56 -2.26
C MET A 101 9.13 -9.35 -1.22
N VAL A 102 10.09 -8.49 -1.53
CA VAL A 102 11.19 -8.21 -0.61
C VAL A 102 11.31 -6.72 -0.31
N VAL A 103 11.18 -6.37 0.97
CA VAL A 103 11.42 -5.00 1.40
C VAL A 103 12.92 -4.74 1.44
N ASP A 104 13.40 -3.84 0.59
CA ASP A 104 14.82 -3.53 0.53
C ASP A 104 15.19 -2.31 1.37
N ARG A 105 14.21 -1.44 1.61
CA ARG A 105 14.50 -0.17 2.27
C ARG A 105 13.24 0.46 2.85
N CYS A 106 13.37 1.06 4.03
CA CYS A 106 12.23 1.66 4.71
C CYS A 106 12.43 3.15 4.89
N GLY A 107 11.34 3.90 4.88
CA GLY A 107 11.41 5.34 5.07
C GLY A 107 10.06 5.99 5.32
N CYS A 108 10.10 7.29 5.55
CA CYS A 108 8.90 8.05 5.85
C CYS A 108 8.44 8.90 4.66
N SER A 109 7.22 8.68 4.20
CA SER A 109 6.65 9.48 3.12
C SER A 109 5.13 9.35 3.07
N ASP B 1 -17.01 -0.34 15.78
CA ASP B 1 -17.54 1.00 15.61
C ASP B 1 -17.23 1.51 14.20
N PHE B 2 -16.99 2.82 14.08
CA PHE B 2 -16.69 3.43 12.78
C PHE B 2 -15.44 4.29 12.82
N GLY B 3 -15.09 4.84 11.66
CA GLY B 3 -13.93 5.71 11.53
C GLY B 3 -14.35 7.14 11.82
N LEU B 4 -13.38 8.02 12.04
CA LEU B 4 -13.66 9.44 12.28
C LEU B 4 -13.51 10.29 11.03
N ASP B 5 -14.40 11.27 10.85
CA ASP B 5 -14.30 12.20 9.73
C ASP B 5 -13.88 13.59 10.19
N CYS B 6 -13.01 14.23 9.41
CA CYS B 6 -12.53 15.57 9.71
C CYS B 6 -12.61 16.51 8.52
N ASP B 7 -12.65 17.80 8.80
N ASP B 7 -12.61 17.81 8.79
CA ASP B 7 -12.54 18.85 7.78
CA ASP B 7 -12.50 18.79 7.72
C ASP B 7 -11.15 19.46 7.80
C ASP B 7 -11.12 19.44 7.77
N GLU B 8 -10.92 20.43 6.92
CA GLU B 8 -9.65 21.17 6.89
C GLU B 8 -9.43 22.00 8.16
N HIS B 9 -10.48 22.17 8.95
CA HIS B 9 -10.41 23.03 10.12
C HIS B 9 -10.39 22.26 11.44
N SER B 10 -10.31 20.94 11.36
CA SER B 10 -10.19 20.13 12.57
C SER B 10 -8.80 20.19 13.18
N THR B 11 -8.74 20.38 14.49
CA THR B 11 -7.49 20.22 15.22
C THR B 11 -7.46 18.81 15.81
N GLU B 12 -7.50 17.82 14.94
CA GLU B 12 -7.61 16.42 15.35
C GLU B 12 -6.28 15.71 15.11
N SER B 13 -5.73 15.12 16.17
CA SER B 13 -4.44 14.47 16.07
C SER B 13 -4.53 12.97 15.77
N ARG B 14 -5.70 12.39 16.03
CA ARG B 14 -5.88 10.95 15.81
C ARG B 14 -6.15 10.64 14.35
N CYS B 15 -6.04 9.36 14.00
CA CYS B 15 -6.27 8.89 12.65
C CYS B 15 -7.65 9.30 12.17
N CYS B 16 -7.69 10.22 11.20
CA CYS B 16 -8.96 10.76 10.73
C CYS B 16 -9.02 10.79 9.22
N ARG B 17 -10.23 10.95 8.70
CA ARG B 17 -10.46 10.95 7.26
C ARG B 17 -10.79 12.35 6.75
N TYR B 18 -10.02 12.82 5.77
CA TYR B 18 -10.14 14.19 5.29
C TYR B 18 -10.63 14.20 3.84
N PRO B 19 -11.32 15.28 3.44
CA PRO B 19 -11.82 15.33 2.06
C PRO B 19 -10.69 15.61 1.07
N LEU B 20 -10.85 15.12 -0.17
CA LEU B 20 -9.90 15.38 -1.23
C LEU B 20 -10.49 15.07 -2.59
N THR B 21 -10.42 16.05 -3.49
CA THR B 21 -10.84 15.85 -4.86
C THR B 21 -9.62 15.45 -5.72
N VAL B 22 -9.71 14.29 -6.37
CA VAL B 22 -8.71 13.90 -7.36
C VAL B 22 -9.16 14.38 -8.73
N ASP B 23 -8.32 15.17 -9.37
CA ASP B 23 -8.68 15.83 -10.62
C ASP B 23 -7.79 15.35 -11.75
N PHE B 24 -8.32 14.44 -12.56
CA PHE B 24 -7.59 13.84 -13.66
C PHE B 24 -7.31 14.88 -14.75
N GLU B 25 -8.27 15.75 -14.98
CA GLU B 25 -8.14 16.78 -16.00
C GLU B 25 -7.01 17.74 -15.64
N ALA B 26 -6.92 18.06 -14.35
CA ALA B 26 -5.87 18.94 -13.86
C ALA B 26 -4.51 18.28 -13.99
N PHE B 27 -4.47 16.96 -13.82
CA PHE B 27 -3.24 16.21 -14.04
C PHE B 27 -2.85 16.30 -15.52
N GLY B 28 -3.85 16.53 -16.37
CA GLY B 28 -3.62 16.60 -17.80
C GLY B 28 -3.98 15.30 -18.49
N TRP B 29 -4.36 14.30 -17.70
CA TRP B 29 -4.74 13.00 -18.22
C TRP B 29 -6.04 13.10 -19.02
N ASP B 30 -5.97 13.63 -20.23
CA ASP B 30 -7.17 13.86 -21.02
C ASP B 30 -7.70 12.60 -21.70
N TRP B 31 -6.97 11.50 -21.63
CA TRP B 31 -7.45 10.25 -22.20
C TRP B 31 -8.64 9.73 -21.38
N ILE B 32 -8.82 10.29 -20.20
CA ILE B 32 -9.91 9.91 -19.31
C ILE B 32 -11.15 10.75 -19.61
N ILE B 33 -12.17 10.08 -20.14
CA ILE B 33 -13.41 10.75 -20.52
C ILE B 33 -14.24 11.12 -19.30
N ALA B 34 -14.53 10.13 -18.47
CA ALA B 34 -15.31 10.36 -17.25
C ALA B 34 -14.97 9.32 -16.19
N PRO B 35 -14.90 9.76 -14.91
CA PRO B 35 -15.09 11.17 -14.54
C PRO B 35 -13.79 11.98 -14.61
N LYS B 36 -13.91 13.25 -14.99
CA LYS B 36 -12.79 14.18 -14.94
C LYS B 36 -12.39 14.39 -13.49
N ARG B 37 -13.37 14.24 -12.60
CA ARG B 37 -13.20 14.63 -11.22
C ARG B 37 -14.02 13.72 -10.29
N TYR B 38 -13.47 13.40 -9.12
CA TYR B 38 -14.22 12.61 -8.13
C TYR B 38 -13.66 12.82 -6.73
N LYS B 39 -14.46 12.49 -5.72
CA LYS B 39 -14.06 12.64 -4.32
C LYS B 39 -13.35 11.38 -3.83
N ALA B 40 -12.04 11.49 -3.61
CA ALA B 40 -11.23 10.36 -3.18
C ALA B 40 -11.03 10.31 -1.67
N ASN B 41 -10.82 11.47 -1.07
CA ASN B 41 -10.49 11.60 0.35
C ASN B 41 -9.13 10.98 0.68
N TYR B 42 -8.68 11.17 1.91
CA TYR B 42 -7.44 10.54 2.37
C TYR B 42 -7.42 10.39 3.89
N CYS B 43 -6.40 9.72 4.39
CA CYS B 43 -6.29 9.45 5.82
C CYS B 43 -5.11 10.20 6.41
N SER B 44 -5.28 10.70 7.64
CA SER B 44 -4.20 11.38 8.35
C SER B 44 -4.46 11.37 9.84
N GLY B 45 -3.40 11.27 10.62
CA GLY B 45 -3.52 11.24 12.07
C GLY B 45 -2.56 10.25 12.72
N GLU B 46 -2.57 10.23 14.04
CA GLU B 46 -1.67 9.38 14.81
C GLU B 46 -2.33 8.08 15.28
N CYS B 47 -1.50 7.05 15.45
CA CYS B 47 -1.97 5.74 15.89
C CYS B 47 -1.25 5.35 17.18
N GLU B 48 -2.00 5.29 18.28
CA GLU B 48 -1.42 4.95 19.58
C GLU B 48 -1.43 3.45 19.83
N PRO B 66 2.86 -7.50 -1.65
CA PRO B 66 2.56 -7.19 -0.25
C PRO B 66 2.91 -5.77 0.18
N ARG B 67 2.27 -5.34 1.26
CA ARG B 67 2.66 -4.14 1.99
C ARG B 67 3.62 -4.55 3.09
N GLY B 68 4.75 -3.85 3.19
CA GLY B 68 5.77 -4.16 4.17
C GLY B 68 5.85 -3.30 5.42
N SER B 69 4.71 -2.76 5.86
CA SER B 69 4.71 -1.94 7.07
C SER B 69 3.96 -2.65 8.19
N ALA B 70 4.62 -2.76 9.35
CA ALA B 70 4.02 -3.42 10.50
C ALA B 70 3.52 -2.41 11.52
N GLY B 71 4.24 -1.30 11.65
CA GLY B 71 3.88 -0.25 12.59
C GLY B 71 2.50 0.29 12.29
N PRO B 72 1.76 0.68 13.33
CA PRO B 72 0.40 1.20 13.13
C PRO B 72 0.42 2.50 12.34
N CYS B 73 -0.51 2.63 11.39
CA CYS B 73 -0.57 3.80 10.54
C CYS B 73 -1.98 4.12 10.11
N CYS B 74 -2.29 5.41 10.02
CA CYS B 74 -3.60 5.86 9.59
C CYS B 74 -3.75 5.58 8.09
N THR B 75 -4.38 4.45 7.78
CA THR B 75 -4.52 4.00 6.40
C THR B 75 -5.99 3.73 6.11
N PRO B 76 -6.38 3.79 4.82
CA PRO B 76 -7.77 3.43 4.48
C PRO B 76 -8.09 2.01 4.93
N THR B 77 -9.12 1.86 5.77
CA THR B 77 -9.54 0.55 6.21
C THR B 77 -10.70 0.01 5.38
N LYS B 78 -11.25 0.88 4.53
CA LYS B 78 -12.24 0.42 3.56
C LYS B 78 -12.28 1.41 2.41
N MET B 79 -12.10 0.90 1.19
CA MET B 79 -12.22 1.71 0.00
C MET B 79 -13.27 1.12 -0.94
N SER B 80 -13.75 1.93 -1.87
CA SER B 80 -14.78 1.50 -2.80
C SER B 80 -14.35 1.88 -4.22
N PRO B 81 -14.90 1.17 -5.23
CA PRO B 81 -14.49 1.45 -6.61
C PRO B 81 -15.21 2.64 -7.23
N ILE B 82 -14.75 3.07 -8.39
CA ILE B 82 -15.49 4.00 -9.22
C ILE B 82 -15.51 3.47 -10.65
N ASN B 83 -16.54 3.82 -11.40
CA ASN B 83 -16.59 3.48 -12.82
C ASN B 83 -15.94 4.58 -13.66
N MET B 84 -15.08 4.18 -14.59
CA MET B 84 -14.41 5.15 -15.45
C MET B 84 -14.59 4.84 -16.93
N LEU B 85 -14.61 5.90 -17.73
CA LEU B 85 -14.66 5.81 -19.18
C LEU B 85 -13.40 6.46 -19.74
N TYR B 86 -12.61 5.70 -20.51
CA TYR B 86 -11.35 6.26 -21.00
C TYR B 86 -10.90 5.69 -22.34
N PHE B 87 -9.94 6.39 -22.95
CA PHE B 87 -9.37 6.02 -24.25
C PHE B 87 -8.17 5.13 -24.09
N ASN B 88 -7.93 4.25 -25.04
CA ASN B 88 -6.61 3.69 -25.21
C ASN B 88 -5.98 4.19 -26.51
N GLY B 89 -6.72 5.02 -27.24
CA GLY B 89 -6.20 5.74 -28.39
C GLY B 89 -6.23 4.93 -29.68
N LYS B 90 -6.95 3.82 -29.66
CA LYS B 90 -7.01 2.91 -30.78
C LYS B 90 -8.41 2.93 -31.37
N GLU B 91 -9.07 4.07 -31.22
CA GLU B 91 -10.52 4.20 -31.36
C GLU B 91 -11.17 3.24 -30.36
N GLN B 92 -10.42 2.91 -29.31
CA GLN B 92 -10.84 1.96 -28.29
C GLN B 92 -11.19 2.66 -26.98
N ILE B 93 -12.48 2.73 -26.68
CA ILE B 93 -12.95 3.33 -25.44
C ILE B 93 -13.31 2.25 -24.42
N ILE B 94 -12.81 2.40 -23.20
CA ILE B 94 -13.00 1.40 -22.17
C ILE B 94 -13.87 1.92 -21.03
N TYR B 95 -14.89 1.13 -20.67
CA TYR B 95 -15.74 1.43 -19.54
C TYR B 95 -15.55 0.36 -18.49
N GLY B 96 -14.92 0.72 -17.37
CA GLY B 96 -14.55 -0.27 -16.38
C GLY B 96 -14.72 0.14 -14.94
N LYS B 97 -14.88 -0.86 -14.09
CA LYS B 97 -14.95 -0.66 -12.65
C LYS B 97 -13.54 -0.69 -12.07
N ILE B 98 -13.09 0.46 -11.57
CA ILE B 98 -11.73 0.59 -11.07
C ILE B 98 -11.75 0.55 -9.55
N PRO B 99 -11.09 -0.47 -8.96
CA PRO B 99 -11.20 -0.75 -7.54
C PRO B 99 -10.33 0.15 -6.67
N ALA B 100 -10.70 0.29 -5.40
CA ALA B 100 -9.91 1.03 -4.42
C ALA B 100 -9.56 2.44 -4.89
N MET B 101 -10.58 3.22 -5.22
CA MET B 101 -10.35 4.59 -5.68
C MET B 101 -10.88 5.65 -4.71
N VAL B 102 -11.76 5.22 -3.80
CA VAL B 102 -12.34 6.14 -2.83
C VAL B 102 -12.11 5.68 -1.41
N VAL B 103 -11.46 6.52 -0.61
CA VAL B 103 -11.31 6.22 0.81
C VAL B 103 -12.63 6.48 1.51
N ASP B 104 -13.25 5.41 2.00
CA ASP B 104 -14.52 5.51 2.70
C ASP B 104 -14.32 5.59 4.21
N ARG B 105 -13.17 5.09 4.68
CA ARG B 105 -12.95 4.95 6.11
C ARG B 105 -11.46 4.83 6.46
N CYS B 106 -11.08 5.48 7.56
CA CYS B 106 -9.69 5.48 8.00
C CYS B 106 -9.58 4.86 9.39
N GLY B 107 -8.44 4.23 9.66
CA GLY B 107 -8.17 3.59 10.93
C GLY B 107 -6.72 3.22 11.02
N CYS B 108 -6.31 2.65 12.14
CA CYS B 108 -4.90 2.30 12.31
C CYS B 108 -4.73 0.80 12.05
N SER B 109 -3.94 0.49 11.03
CA SER B 109 -3.64 -0.89 10.64
C SER B 109 -4.90 -1.76 10.56
C1 MPD C . 0.21 -17.98 -5.55
C2 MPD C . 1.49 -17.14 -5.54
O2 MPD C . 2.42 -17.73 -4.66
CM MPD C . 2.07 -17.10 -6.94
C3 MPD C . 1.16 -15.73 -5.07
C4 MPD C . 1.78 -15.45 -3.70
O4 MPD C . 2.07 -14.08 -3.60
C5 MPD C . 0.80 -15.85 -2.60
C1 MPD D . 6.27 1.90 -4.94
C2 MPD D . 6.57 1.12 -3.65
O2 MPD D . 6.62 2.02 -2.58
CM MPD D . 5.45 0.11 -3.39
C3 MPD D . 7.91 0.38 -3.74
C4 MPD D . 8.38 0.18 -5.18
O4 MPD D . 9.77 0.31 -5.23
C5 MPD D . 7.99 -1.20 -5.68
C1 MPD E . 15.67 -18.99 -4.96
C2 MPD E . 15.92 -20.37 -5.60
O2 MPD E . 14.73 -20.79 -6.21
CM MPD E . 17.02 -20.25 -6.65
C3 MPD E . 16.35 -21.42 -4.57
C4 MPD E . 16.00 -21.04 -3.13
O4 MPD E . 15.29 -22.08 -2.53
C5 MPD E . 17.27 -20.76 -2.34
C1 MPD F . 14.76 -16.06 -2.85
C2 MPD F . 16.17 -15.53 -3.06
O2 MPD F . 17.08 -16.59 -3.10
CM MPD F . 16.23 -14.75 -4.38
C3 MPD F . 16.53 -14.59 -1.91
C4 MPD F . 16.56 -15.36 -0.59
O4 MPD F . 17.28 -16.56 -0.77
C5 MPD F . 17.25 -14.51 0.48
C1 MPD G . 0.26 18.77 -16.15
C2 MPD G . -0.44 20.10 -16.43
O2 MPD G . 0.46 20.98 -17.04
CM MPD G . -1.57 19.83 -17.41
C3 MPD G . -1.07 20.73 -15.18
C4 MPD G . -0.24 20.81 -13.88
O4 MPD G . -0.13 19.57 -13.25
C5 MPD G . 1.14 21.45 -14.08
C1 MPD H . -6.45 2.70 -15.24
C2 MPD H . -6.50 4.22 -15.36
O2 MPD H . -5.30 4.69 -15.91
CM MPD H . -7.66 4.62 -16.26
C3 MPD H . -6.69 4.84 -13.98
C4 MPD H . -5.55 4.42 -13.06
O4 MPD H . -4.55 5.41 -13.06
C5 MPD H . -6.07 4.22 -11.64
C1 MPD I . -4.78 18.79 9.46
C2 MPD I . -4.42 19.29 8.08
O2 MPD I . -5.29 18.74 7.13
CM MPD I . -4.53 20.81 8.05
C3 MPD I . -2.97 18.90 7.75
C4 MPD I . -2.91 17.61 6.93
O4 MPD I . -4.12 16.91 7.02
C5 MPD I . -2.61 17.94 5.47
#